data_3O4U
#
_entry.id   3O4U
#
_cell.length_a   119.035
_cell.length_b   39.207
_cell.length_c   83.981
_cell.angle_alpha   90.00
_cell.angle_beta   124.23
_cell.angle_gamma   90.00
#
_symmetry.space_group_name_H-M   'C 1 2 1'
#
loop_
_entity.id
_entity.type
_entity.pdbx_description
1 polymer 'Tyrosine-protein phosphatase non-receptor type 7'
2 non-polymer 'L(+)-TARTARIC ACID'
3 non-polymer 'S,R MESO-TARTARIC ACID'
4 non-polymer GLYCEROL
5 water water
#
_entity_poly.entity_id   1
_entity_poly.type   'polypeptide(L)'
_entity_poly.pdbx_seq_one_letter_code
;MGSDKIHHHHHHNTPREVTLHFLRTAGHPLTRWALQRQPPDPKQLEEEFLKIPSNFVSPEDLDIPGHASKDRYKTILPNP
QSRVCLGRAQSQEDGDYINANYIRGYDGKEKVYIATQGPMPNTVSDFWEMVWQEEVSLIVMLTQLREGKEKCVHYWPTEE
ETYGPFQIRIQDMKECPEYTVRQLTIQYQEERRSVKHILFSAWPDHQTPESAGPLLRLVAEVEESPETAAHPGPIVVHCS
AGIGRTGCFIATRIGCQQLKARGEVDILGIVCQLRLDRGGMIQTAEQYQFLHHTLALYAGQLPEEPSP
;
_entity_poly.pdbx_strand_id   A
#
# COMPACT_ATOMS: atom_id res chain seq x y z
N ASN A 13 -12.66 -18.28 22.76
CA ASN A 13 -13.14 -16.86 22.68
C ASN A 13 -13.89 -16.55 21.38
N THR A 14 -14.33 -15.30 21.23
CA THR A 14 -15.08 -14.86 20.05
C THR A 14 -14.27 -14.99 18.75
N PRO A 15 -14.95 -15.19 17.60
CA PRO A 15 -14.28 -15.25 16.30
C PRO A 15 -13.38 -14.05 16.00
N ARG A 16 -13.69 -12.89 16.60
CA ARG A 16 -12.84 -11.70 16.48
C ARG A 16 -11.52 -11.89 17.24
N GLU A 17 -11.59 -12.46 18.44
CA GLU A 17 -10.42 -12.73 19.26
C GLU A 17 -9.56 -13.87 18.69
N VAL A 18 -10.20 -14.83 18.04
CA VAL A 18 -9.50 -15.90 17.31
C VAL A 18 -8.71 -15.31 16.14
N THR A 19 -9.34 -14.41 15.39
CA THR A 19 -8.73 -13.76 14.24
C THR A 19 -7.49 -12.97 14.63
N LEU A 20 -7.64 -12.14 15.66
CA LEU A 20 -6.56 -11.28 16.12
C LEU A 20 -5.38 -12.09 16.64
N HIS A 21 -5.68 -13.13 17.42
CA HIS A 21 -4.65 -14.00 17.98
C HIS A 21 -3.84 -14.68 16.89
N PHE A 22 -4.51 -15.22 15.87
CA PHE A 22 -3.84 -15.80 14.71
C PHE A 22 -2.94 -14.77 14.01
N LEU A 23 -3.49 -13.60 13.73
CA LEU A 23 -2.74 -12.57 13.00
C LEU A 23 -1.56 -12.02 13.79
N ARG A 24 -1.61 -12.21 15.11
CA ARG A 24 -0.60 -11.73 16.03
C ARG A 24 0.55 -12.71 16.24
N THR A 25 0.25 -14.01 16.06
CA THR A 25 1.15 -15.09 16.47
C THR A 25 1.66 -16.00 15.34
N ALA A 26 1.01 -15.95 14.17
CA ALA A 26 1.44 -16.80 13.05
C ALA A 26 2.76 -16.31 12.49
N GLY A 27 3.54 -17.25 11.96
CA GLY A 27 4.85 -16.92 11.42
C GLY A 27 5.53 -18.13 10.81
N HIS A 28 6.22 -17.88 9.72
CA HIS A 28 7.00 -18.92 9.06
C HIS A 28 8.30 -18.28 8.57
N PRO A 29 9.24 -18.00 9.49
CA PRO A 29 10.50 -17.39 9.05
C PRO A 29 11.26 -18.32 8.11
N LEU A 30 11.81 -17.78 7.03
CA LEU A 30 12.57 -18.56 6.08
C LEU A 30 13.92 -17.94 5.93
N THR A 31 14.97 -18.74 5.92
CA THR A 31 16.31 -18.21 5.67
C THR A 31 16.40 -17.88 4.19
N ARG A 32 17.30 -16.96 3.85
CA ARG A 32 17.61 -16.65 2.47
C ARG A 32 17.82 -17.93 1.66
N TRP A 33 18.57 -18.88 2.24
CA TRP A 33 18.85 -20.13 1.56
C TRP A 33 17.61 -20.96 1.27
N ALA A 34 16.77 -21.15 2.28
CA ALA A 34 15.51 -21.87 2.11
C ALA A 34 14.57 -21.21 1.11
N LEU A 35 14.49 -19.88 1.11
CA LEU A 35 13.67 -19.17 0.11
C LEU A 35 14.16 -19.40 -1.33
N GLN A 36 15.48 -19.37 -1.54
CA GLN A 36 16.05 -19.51 -2.88
C GLN A 36 16.16 -20.96 -3.32
N ARG A 37 16.56 -21.85 -2.41
CA ARG A 37 16.97 -23.22 -2.78
C ARG A 37 16.04 -24.34 -2.31
N GLN A 38 15.30 -24.12 -1.22
CA GLN A 38 14.44 -25.16 -0.70
C GLN A 38 13.13 -24.59 -0.18
N PRO A 39 12.33 -23.97 -1.07
CA PRO A 39 11.14 -23.25 -0.61
C PRO A 39 9.97 -24.19 -0.32
N PRO A 40 8.99 -23.74 0.48
CA PRO A 40 7.78 -24.56 0.62
C PRO A 40 7.17 -24.77 -0.76
N ASP A 41 6.58 -25.94 -0.99
CA ASP A 41 5.93 -26.20 -2.26
C ASP A 41 4.63 -25.39 -2.39
N PRO A 42 4.15 -25.20 -3.63
CA PRO A 42 2.94 -24.43 -3.89
C PRO A 42 1.72 -24.92 -3.11
N LYS A 43 1.64 -26.22 -2.86
CA LYS A 43 0.51 -26.82 -2.14
C LYS A 43 0.52 -26.36 -0.68
N GLN A 44 1.70 -26.39 -0.07
CA GLN A 44 1.92 -25.90 1.29
C GLN A 44 1.66 -24.41 1.40
N LEU A 45 2.09 -23.64 0.40
CA LEU A 45 1.88 -22.19 0.38
C LEU A 45 0.40 -21.80 0.28
N GLU A 46 -0.34 -22.49 -0.58
CA GLU A 46 -1.78 -22.29 -0.69
C GLU A 46 -2.53 -22.55 0.64
N GLU A 47 -2.25 -23.70 1.25
CA GLU A 47 -2.87 -24.06 2.54
C GLU A 47 -2.50 -23.08 3.65
N GLU A 48 -1.26 -22.64 3.68
CA GLU A 48 -0.79 -21.62 4.61
C GLU A 48 -1.55 -20.32 4.38
N PHE A 49 -1.68 -19.93 3.11
CA PHE A 49 -2.46 -18.73 2.75
C PHE A 49 -3.92 -18.80 3.19
N LEU A 50 -4.58 -19.92 2.94
CA LEU A 50 -6.00 -20.07 3.25
C LEU A 50 -6.32 -20.09 4.75
N LYS A 51 -5.33 -20.37 5.58
CA LYS A 51 -5.47 -20.30 7.05
C LYS A 51 -5.58 -18.86 7.55
N ILE A 52 -5.05 -17.91 6.79
CA ILE A 52 -4.99 -16.51 7.23
C ILE A 52 -6.38 -15.87 7.20
N PRO A 53 -6.87 -15.43 8.36
CA PRO A 53 -8.17 -14.74 8.43
C PRO A 53 -8.06 -13.39 7.72
N SER A 54 -9.14 -12.99 7.04
CA SER A 54 -9.13 -11.79 6.22
C SER A 54 -9.11 -10.49 7.03
N ASN A 55 -9.70 -10.54 8.22
CA ASN A 55 -9.89 -9.35 9.06
C ASN A 55 -10.68 -8.21 8.38
N PHE A 56 -11.64 -8.58 7.53
CA PHE A 56 -12.59 -7.63 6.96
C PHE A 56 -13.51 -7.10 8.06
N VAL A 57 -13.62 -5.78 8.16
CA VAL A 57 -14.59 -5.15 9.07
C VAL A 57 -15.97 -5.07 8.38
N SER A 58 -17.01 -5.46 9.10
CA SER A 58 -18.37 -5.40 8.58
C SER A 58 -18.90 -3.97 8.68
N PRO A 59 -19.85 -3.59 7.81
CA PRO A 59 -20.45 -2.25 7.89
C PRO A 59 -20.99 -1.89 9.27
N GLU A 60 -21.51 -2.88 10.02
CA GLU A 60 -22.03 -2.66 11.37
C GLU A 60 -20.96 -2.25 12.38
N ASP A 61 -19.70 -2.55 12.07
CA ASP A 61 -18.57 -2.24 12.96
C ASP A 61 -18.04 -0.81 12.77
N LEU A 62 -18.54 -0.11 11.77
CA LEU A 62 -18.22 1.31 11.56
C LEU A 62 -19.41 2.19 11.89
N ASP A 63 -19.21 3.14 12.80
CA ASP A 63 -20.21 4.16 13.08
C ASP A 63 -19.70 5.48 12.51
N ILE A 64 -19.75 5.57 11.19
CA ILE A 64 -19.34 6.77 10.47
C ILE A 64 -20.46 7.08 9.48
N PRO A 65 -21.40 7.95 9.87
CA PRO A 65 -22.53 8.32 9.03
C PRO A 65 -22.08 8.88 7.67
N GLY A 66 -22.60 8.29 6.60
CA GLY A 66 -22.38 8.80 5.25
C GLY A 66 -21.13 8.32 4.55
N HIS A 67 -20.48 7.30 5.12
CA HIS A 67 -19.25 6.76 4.53
C HIS A 67 -19.48 6.02 3.20
N ALA A 68 -20.65 5.38 3.07
CA ALA A 68 -20.96 4.50 1.93
C ALA A 68 -20.77 5.13 0.54
N SER A 69 -21.10 6.42 0.42
CA SER A 69 -20.97 7.12 -0.85
C SER A 69 -19.51 7.38 -1.22
N LYS A 70 -18.63 7.21 -0.24
CA LYS A 70 -17.20 7.40 -0.43
C LYS A 70 -16.43 6.08 -0.58
N ASP A 71 -17.17 4.97 -0.54
CA ASP A 71 -16.57 3.66 -0.74
C ASP A 71 -16.80 3.16 -2.16
N ARG A 72 -15.72 2.74 -2.81
CA ARG A 72 -15.78 2.13 -4.13
C ARG A 72 -16.44 0.75 -4.05
N TYR A 73 -16.09 0.00 -3.01
CA TYR A 73 -16.65 -1.33 -2.78
C TYR A 73 -17.26 -1.38 -1.37
N LYS A 74 -18.48 -1.87 -1.28
CA LYS A 74 -19.24 -1.88 -0.03
C LYS A 74 -18.61 -2.76 1.04
N THR A 75 -17.95 -3.84 0.62
CA THR A 75 -17.38 -4.82 1.56
C THR A 75 -15.90 -4.58 1.88
N ILE A 76 -15.27 -3.67 1.14
CA ILE A 76 -13.87 -3.34 1.42
C ILE A 76 -13.79 -1.99 2.14
N LEU A 77 -13.69 -2.06 3.46
CA LEU A 77 -13.79 -0.90 4.36
C LEU A 77 -12.52 -0.75 5.20
N PRO A 78 -12.18 0.51 5.58
CA PRO A 78 -10.99 0.72 6.37
C PRO A 78 -11.17 0.34 7.84
N ASN A 79 -10.27 -0.52 8.33
CA ASN A 79 -10.25 -0.92 9.74
C ASN A 79 -10.16 0.31 10.62
N PRO A 80 -11.10 0.43 11.59
CA PRO A 80 -11.27 1.60 12.47
C PRO A 80 -9.97 2.05 13.15
N GLN A 81 -9.25 1.10 13.74
CA GLN A 81 -8.06 1.40 14.55
C GLN A 81 -6.93 2.07 13.76
N SER A 82 -6.89 1.84 12.45
CA SER A 82 -5.81 2.38 11.62
C SER A 82 -6.29 3.30 10.50
N ARG A 83 -7.58 3.62 10.45
CA ARG A 83 -8.09 4.44 9.34
C ARG A 83 -7.49 5.86 9.34
N VAL A 84 -7.38 6.44 8.15
CA VAL A 84 -6.87 7.79 8.02
C VAL A 84 -8.05 8.75 8.20
N CYS A 85 -7.93 9.64 9.17
CA CYS A 85 -8.97 10.62 9.49
C CYS A 85 -8.58 11.99 8.93
N LEU A 86 -9.46 12.57 8.11
CA LEU A 86 -9.21 13.87 7.51
C LEU A 86 -9.46 15.01 8.48
N GLY A 87 -8.69 16.09 8.35
CA GLY A 87 -8.86 17.30 9.17
C GLY A 87 -10.01 18.17 8.68
N ARG A 88 -9.73 19.45 8.47
CA ARG A 88 -10.79 20.40 8.12
C ARG A 88 -10.32 21.43 7.09
N ALA A 89 -9.87 20.95 5.94
CA ALA A 89 -9.35 21.83 4.88
C ALA A 89 -10.41 22.19 3.84
N GLN A 90 -11.41 21.32 3.68
CA GLN A 90 -12.48 21.51 2.70
C GLN A 90 -13.67 22.28 3.27
N GLU A 93 -17.16 20.90 2.96
CA GLU A 93 -17.31 19.46 3.08
C GLU A 93 -16.99 18.99 4.50
N ASP A 94 -17.93 18.26 5.10
CA ASP A 94 -17.80 17.83 6.49
C ASP A 94 -17.58 16.31 6.63
N GLY A 95 -16.96 15.91 7.74
CA GLY A 95 -16.61 14.51 7.96
C GLY A 95 -15.12 14.27 7.82
N ASP A 96 -14.64 13.20 8.45
CA ASP A 96 -13.22 12.90 8.42
C ASP A 96 -12.90 11.63 7.63
N TYR A 97 -13.85 11.17 6.83
CA TYR A 97 -13.77 9.83 6.23
C TYR A 97 -13.10 9.75 4.86
N ILE A 98 -12.08 8.90 4.79
CA ILE A 98 -11.52 8.42 3.52
C ILE A 98 -11.29 6.91 3.66
N ASN A 99 -11.46 6.16 2.57
CA ASN A 99 -11.22 4.71 2.57
C ASN A 99 -9.72 4.47 2.41
N ALA A 100 -9.02 4.49 3.53
CA ALA A 100 -7.57 4.45 3.59
C ALA A 100 -7.14 4.03 4.98
N ASN A 101 -6.08 3.23 5.06
CA ASN A 101 -5.52 2.84 6.34
C ASN A 101 -4.04 3.13 6.40
N TYR A 102 -3.55 3.54 7.57
CA TYR A 102 -2.11 3.53 7.86
C TYR A 102 -1.60 2.09 7.89
N ILE A 103 -0.46 1.86 7.26
CA ILE A 103 0.17 0.54 7.21
C ILE A 103 1.55 0.58 7.88
N ARG A 104 1.80 -0.31 8.85
CA ARG A 104 3.14 -0.40 9.45
C ARG A 104 4.15 -0.97 8.46
N GLY A 105 5.38 -0.49 8.54
CA GLY A 105 6.45 -0.96 7.66
C GLY A 105 7.34 -1.99 8.31
N TYR A 106 8.58 -2.02 7.83
CA TYR A 106 9.63 -2.89 8.37
C TYR A 106 9.80 -2.72 9.88
N ASP A 107 9.83 -3.87 10.58
CA ASP A 107 9.94 -3.95 12.05
C ASP A 107 8.83 -3.22 12.81
N GLY A 108 7.66 -3.10 12.18
CA GLY A 108 6.48 -2.51 12.83
C GLY A 108 6.50 -1.01 12.99
N LYS A 109 7.41 -0.35 12.28
CA LYS A 109 7.50 1.10 12.22
C LYS A 109 6.18 1.68 11.71
N GLU A 110 5.63 2.63 12.46
CA GLU A 110 4.30 3.20 12.21
C GLU A 110 4.19 4.05 10.95
N LYS A 111 3.06 3.93 10.26
CA LYS A 111 2.69 4.84 9.15
C LYS A 111 3.75 4.96 8.04
N VAL A 112 4.26 3.84 7.57
CA VAL A 112 5.22 3.88 6.47
C VAL A 112 4.46 4.00 5.14
N TYR A 113 3.28 3.37 5.10
CA TYR A 113 2.41 3.38 3.93
C TYR A 113 1.00 3.82 4.28
N ILE A 114 0.29 4.30 3.27
CA ILE A 114 -1.15 4.38 3.34
C ILE A 114 -1.69 3.57 2.18
N ALA A 115 -2.48 2.55 2.49
CA ALA A 115 -3.15 1.75 1.50
C ALA A 115 -4.56 2.32 1.34
N THR A 116 -4.90 2.70 0.11
CA THR A 116 -6.19 3.33 -0.14
C THR A 116 -6.81 2.82 -1.43
N GLN A 117 -8.12 3.01 -1.56
CA GLN A 117 -8.81 2.66 -2.80
C GLN A 117 -8.46 3.68 -3.88
N GLY A 118 -8.71 3.34 -5.14
CA GLY A 118 -8.57 4.32 -6.20
C GLY A 118 -9.63 5.38 -6.01
N PRO A 119 -9.23 6.68 -6.00
CA PRO A 119 -10.17 7.76 -5.69
C PRO A 119 -11.31 7.84 -6.71
N MET A 120 -12.53 8.02 -6.21
CA MET A 120 -13.68 8.27 -7.09
C MET A 120 -13.78 9.77 -7.36
N PRO A 121 -14.56 10.18 -8.37
CA PRO A 121 -14.69 11.63 -8.60
C PRO A 121 -15.10 12.45 -7.36
N ASN A 122 -15.96 11.89 -6.52
CA ASN A 122 -16.38 12.57 -5.29
C ASN A 122 -15.39 12.48 -4.12
N THR A 123 -14.30 11.73 -4.30
CA THR A 123 -13.28 11.61 -3.25
C THR A 123 -11.88 12.08 -3.67
N VAL A 124 -11.78 12.67 -4.86
CA VAL A 124 -10.51 13.21 -5.35
C VAL A 124 -9.97 14.35 -4.46
N SER A 125 -10.87 15.20 -3.97
CA SER A 125 -10.49 16.27 -3.03
C SER A 125 -10.03 15.68 -1.70
N ASP A 126 -10.72 14.63 -1.25
CA ASP A 126 -10.39 13.92 -0.02
C ASP A 126 -9.00 13.33 -0.10
N PHE A 127 -8.71 12.72 -1.25
CA PHE A 127 -7.41 12.09 -1.52
C PHE A 127 -6.26 13.09 -1.42
N TRP A 128 -6.43 14.25 -2.05
CA TRP A 128 -5.41 15.30 -2.03
C TRP A 128 -5.30 15.96 -0.68
N GLU A 129 -6.43 16.07 0.03
CA GLU A 129 -6.43 16.51 1.42
C GLU A 129 -5.58 15.58 2.29
N MET A 130 -5.70 14.27 2.06
CA MET A 130 -4.88 13.26 2.74
C MET A 130 -3.40 13.42 2.37
N VAL A 131 -3.12 13.64 1.08
CA VAL A 131 -1.74 13.88 0.64
C VAL A 131 -1.14 15.11 1.35
N TRP A 132 -1.90 16.20 1.42
CA TRP A 132 -1.43 17.45 2.03
C TRP A 132 -1.26 17.30 3.53
N GLN A 133 -2.28 16.73 4.17
CA GLN A 133 -2.32 16.56 5.62
C GLN A 133 -1.21 15.64 6.13
N GLU A 134 -0.96 14.53 5.41
CA GLU A 134 -0.03 13.52 5.89
C GLU A 134 1.40 13.77 5.44
N GLU A 135 1.60 14.85 4.70
CA GLU A 135 2.90 15.24 4.18
C GLU A 135 3.50 14.16 3.27
N VAL A 136 2.62 13.58 2.45
CA VAL A 136 2.99 12.55 1.49
C VAL A 136 3.84 13.15 0.36
N SER A 137 5.01 12.57 0.12
CA SER A 137 5.84 13.02 -1.00
C SER A 137 5.91 11.99 -2.14
N LEU A 138 5.32 10.81 -1.92
CA LEU A 138 5.36 9.75 -2.92
C LEU A 138 4.03 9.00 -3.04
N ILE A 139 3.55 8.88 -4.27
CA ILE A 139 2.37 8.08 -4.58
C ILE A 139 2.76 6.99 -5.57
N VAL A 140 2.35 5.77 -5.26
CA VAL A 140 2.56 4.64 -6.14
C VAL A 140 1.19 4.13 -6.59
N MET A 141 0.97 4.14 -7.91
CA MET A 141 -0.25 3.65 -8.49
C MET A 141 0.05 2.39 -9.30
N LEU A 142 -0.70 1.32 -9.06
CA LEU A 142 -0.39 0.02 -9.66
C LEU A 142 -1.44 -0.42 -10.69
N THR A 143 -1.09 -0.32 -11.98
CA THR A 143 -2.03 -0.61 -13.06
C THR A 143 -1.65 -1.86 -13.84
N VAL A 153 -11.27 7.08 -13.17
CA VAL A 153 -11.03 8.49 -12.86
C VAL A 153 -9.55 8.76 -12.59
N HIS A 154 -8.95 9.57 -13.47
CA HIS A 154 -7.61 10.10 -13.25
C HIS A 154 -7.75 11.27 -12.28
N TYR A 155 -7.03 11.20 -11.16
CA TYR A 155 -7.15 12.19 -10.10
C TYR A 155 -6.07 13.27 -10.19
N TRP A 156 -5.30 13.21 -11.27
CA TRP A 156 -4.25 14.20 -11.56
C TRP A 156 -4.54 14.87 -12.93
N PRO A 157 -4.08 16.13 -13.10
CA PRO A 157 -4.30 16.88 -14.35
C PRO A 157 -3.35 16.49 -15.48
N THR A 158 -3.78 16.73 -16.72
CA THR A 158 -2.89 16.61 -17.87
C THR A 158 -1.90 17.78 -17.83
N GLU A 159 -2.37 18.92 -17.36
CA GLU A 159 -1.54 20.12 -17.19
C GLU A 159 -1.77 20.76 -15.82
N GLU A 160 -3.00 21.23 -15.57
CA GLU A 160 -3.34 21.94 -14.33
C GLU A 160 -4.84 21.85 -14.03
N GLU A 161 -5.18 21.27 -12.87
CA GLU A 161 -6.56 21.21 -12.39
C GLU A 161 -6.67 21.74 -10.96
N THR A 162 -7.87 22.16 -10.58
CA THR A 162 -8.17 22.53 -9.21
C THR A 162 -9.13 21.49 -8.60
N TYR A 163 -8.69 20.86 -7.51
CA TYR A 163 -9.52 19.92 -6.77
C TYR A 163 -9.78 20.48 -5.37
N GLY A 164 -11.01 20.91 -5.12
CA GLY A 164 -11.36 21.60 -3.88
C GLY A 164 -10.43 22.78 -3.65
N PRO A 165 -9.85 22.87 -2.44
CA PRO A 165 -8.89 23.94 -2.16
C PRO A 165 -7.47 23.73 -2.72
N PHE A 166 -7.27 22.67 -3.51
CA PHE A 166 -5.93 22.30 -3.98
C PHE A 166 -5.76 22.50 -5.47
N GLN A 167 -4.66 23.14 -5.86
CA GLN A 167 -4.25 23.19 -7.27
C GLN A 167 -3.10 22.23 -7.51
N ILE A 168 -3.31 21.31 -8.46
CA ILE A 168 -2.27 20.35 -8.85
C ILE A 168 -1.74 20.74 -10.22
N ARG A 169 -0.41 20.74 -10.33
CA ARG A 169 0.28 21.08 -11.58
C ARG A 169 1.41 20.09 -11.86
N ILE A 170 1.49 19.65 -13.11
CA ILE A 170 2.56 18.77 -13.57
C ILE A 170 3.83 19.59 -13.83
N GLN A 171 4.89 19.31 -13.09
CA GLN A 171 6.17 20.00 -13.28
C GLN A 171 7.00 19.36 -14.39
N ASP A 172 7.15 18.04 -14.33
CA ASP A 172 7.80 17.27 -15.38
C ASP A 172 7.25 15.84 -15.40
N MET A 173 7.47 15.14 -16.51
CA MET A 173 6.97 13.77 -16.68
C MET A 173 7.93 12.98 -17.57
N LYS A 174 8.40 11.85 -17.05
CA LYS A 174 9.23 10.93 -17.84
C LYS A 174 8.59 9.54 -17.96
N GLU A 175 8.52 9.03 -19.18
CA GLU A 175 7.99 7.70 -19.46
C GLU A 175 9.12 6.69 -19.59
N CYS A 176 9.07 5.66 -18.73
CA CYS A 176 10.00 4.54 -18.78
C CYS A 176 9.24 3.33 -19.27
N PRO A 177 9.96 2.26 -19.71
CA PRO A 177 9.26 1.08 -20.24
C PRO A 177 8.26 0.45 -19.27
N GLU A 178 8.53 0.56 -17.96
CA GLU A 178 7.74 -0.16 -16.94
C GLU A 178 6.83 0.74 -16.11
N TYR A 179 7.20 2.01 -15.97
CA TYR A 179 6.38 2.97 -15.24
C TYR A 179 6.56 4.39 -15.76
N THR A 180 5.59 5.25 -15.45
CA THR A 180 5.67 6.68 -15.75
C THR A 180 5.79 7.45 -14.42
N VAL A 181 6.82 8.28 -14.34
CA VAL A 181 7.03 9.12 -13.15
C VAL A 181 6.54 10.52 -13.46
N ARG A 182 5.57 10.99 -12.68
CA ARG A 182 5.15 12.38 -12.72
C ARG A 182 5.64 13.13 -11.48
N GLN A 183 6.25 14.29 -11.72
CA GLN A 183 6.56 15.21 -10.64
C GLN A 183 5.45 16.24 -10.59
N LEU A 184 4.73 16.26 -9.46
CA LEU A 184 3.57 17.11 -9.29
C LEU A 184 3.85 18.23 -8.29
N THR A 185 3.14 19.34 -8.46
CA THR A 185 3.11 20.40 -7.45
C THR A 185 1.70 20.50 -6.89
N ILE A 186 1.59 20.40 -5.58
CA ILE A 186 0.32 20.62 -4.90
C ILE A 186 0.36 21.98 -4.19
N GLN A 187 -0.65 22.80 -4.44
CA GLN A 187 -0.70 24.15 -3.91
C GLN A 187 -1.91 24.42 -3.01
N TYR A 188 -1.63 24.91 -1.80
CA TYR A 188 -2.62 25.45 -0.88
C TYR A 188 -1.93 26.46 0.05
N GLN A 189 -2.22 27.76 -0.05
CA GLN A 189 -2.78 28.41 -1.23
C GLN A 189 -1.65 29.24 -1.82
N GLU A 190 -0.84 29.82 -0.94
CA GLU A 190 0.45 30.41 -1.34
C GLU A 190 1.61 29.48 -0.98
N GLU A 191 1.27 28.30 -0.47
CA GLU A 191 2.25 27.26 -0.16
C GLU A 191 2.26 26.15 -1.23
N ARG A 192 3.47 25.82 -1.70
CA ARG A 192 3.66 24.84 -2.76
C ARG A 192 4.52 23.67 -2.29
N ARG A 193 4.04 22.45 -2.54
CA ARG A 193 4.75 21.23 -2.18
C ARG A 193 4.95 20.35 -3.40
N SER A 194 6.08 19.64 -3.43
CA SER A 194 6.37 18.67 -4.48
C SER A 194 5.93 17.25 -4.07
N VAL A 195 5.20 16.58 -4.95
CA VAL A 195 4.79 15.19 -4.74
C VAL A 195 5.24 14.38 -5.95
N LYS A 196 5.96 13.28 -5.69
CA LYS A 196 6.36 12.34 -6.73
C LYS A 196 5.26 11.29 -6.95
N HIS A 197 4.90 11.08 -8.21
CA HIS A 197 3.86 10.12 -8.58
C HIS A 197 4.37 9.07 -9.55
N ILE A 198 4.35 7.81 -9.13
CA ILE A 198 4.74 6.71 -10.00
C ILE A 198 3.53 5.88 -10.37
N LEU A 199 3.25 5.85 -11.68
CA LEU A 199 2.21 5.00 -12.23
C LEU A 199 2.90 3.77 -12.81
N PHE A 200 2.67 2.62 -12.17
CA PHE A 200 3.24 1.37 -12.59
C PHE A 200 2.32 0.70 -13.60
N SER A 201 2.85 0.50 -14.79
CA SER A 201 2.09 -0.03 -15.91
C SER A 201 2.68 -1.35 -16.36
N ALA A 202 3.09 -2.17 -15.39
CA ALA A 202 3.72 -3.45 -15.68
C ALA A 202 3.37 -4.51 -14.63
N TRP A 203 2.17 -4.42 -14.05
CA TRP A 203 1.74 -5.41 -13.05
C TRP A 203 1.47 -6.79 -13.70
N PRO A 204 2.05 -7.87 -13.13
CA PRO A 204 1.85 -9.24 -13.61
C PRO A 204 0.66 -9.96 -12.94
N GLU A 210 3.68 -13.91 -13.97
CA GLU A 210 4.30 -13.58 -15.26
C GLU A 210 5.79 -13.21 -15.13
N SER A 211 6.08 -12.09 -14.46
CA SER A 211 7.47 -11.62 -14.25
C SER A 211 7.60 -10.64 -13.07
N ALA A 212 8.63 -10.82 -12.26
CA ALA A 212 8.88 -9.97 -11.08
C ALA A 212 10.00 -8.94 -11.30
N GLY A 213 10.66 -8.99 -12.45
CA GLY A 213 11.67 -7.99 -12.81
C GLY A 213 11.24 -6.54 -12.64
N PRO A 214 10.17 -6.12 -13.36
CA PRO A 214 9.63 -4.76 -13.26
C PRO A 214 9.22 -4.34 -11.84
N LEU A 215 8.49 -5.21 -11.15
CA LEU A 215 8.13 -4.99 -9.75
C LEU A 215 9.34 -4.63 -8.87
N LEU A 216 10.45 -5.35 -9.00
CA LEU A 216 11.63 -5.04 -8.19
C LEU A 216 12.33 -3.73 -8.60
N ARG A 217 12.24 -3.37 -9.88
CA ARG A 217 12.74 -2.08 -10.35
C ARG A 217 11.87 -0.94 -9.80
N LEU A 218 10.56 -1.19 -9.66
CA LEU A 218 9.65 -0.27 -9.00
C LEU A 218 10.02 -0.04 -7.55
N VAL A 219 10.32 -1.12 -6.84
CA VAL A 219 10.78 -1.04 -5.45
C VAL A 219 12.11 -0.26 -5.35
N ALA A 220 13.03 -0.54 -6.26
CA ALA A 220 14.29 0.22 -6.33
C ALA A 220 14.04 1.72 -6.59
N GLU A 221 13.14 2.03 -7.53
CA GLU A 221 12.72 3.40 -7.79
C GLU A 221 12.14 4.08 -6.53
N VAL A 222 11.28 3.36 -5.82
CA VAL A 222 10.71 3.83 -4.56
C VAL A 222 11.81 4.11 -3.52
N GLU A 223 12.78 3.20 -3.41
CA GLU A 223 13.89 3.35 -2.46
C GLU A 223 14.78 4.53 -2.80
N GLU A 224 15.01 4.75 -4.09
CA GLU A 224 15.87 5.83 -4.56
C GLU A 224 15.21 7.22 -4.53
N SER A 225 13.92 7.28 -4.21
CA SER A 225 13.18 8.53 -4.17
C SER A 225 13.58 9.39 -2.98
N PRO A 226 14.08 10.61 -3.24
CA PRO A 226 14.44 11.53 -2.15
C PRO A 226 13.22 11.98 -1.36
N GLU A 227 13.41 12.20 -0.07
CA GLU A 227 12.39 12.81 0.76
C GLU A 227 12.30 14.30 0.39
N THR A 228 11.08 14.85 0.36
CA THR A 228 10.87 16.24 -0.07
C THR A 228 9.91 17.06 0.83
N ALA A 229 9.35 16.41 1.85
CA ALA A 229 8.46 17.06 2.80
C ALA A 229 9.23 17.56 4.03
N ALA A 230 8.59 18.40 4.84
CA ALA A 230 9.19 18.91 6.08
C ALA A 230 9.52 17.79 7.07
N HIS A 231 8.58 16.84 7.19
CA HIS A 231 8.75 15.66 8.04
C HIS A 231 8.38 14.43 7.20
N PRO A 232 9.11 13.31 7.41
CA PRO A 232 8.82 12.11 6.60
C PRO A 232 7.39 11.60 6.81
N GLY A 233 6.67 11.41 5.71
CA GLY A 233 5.27 10.96 5.75
C GLY A 233 5.10 9.64 5.02
N PRO A 234 3.89 9.07 5.07
CA PRO A 234 3.66 7.75 4.47
C PRO A 234 3.70 7.78 2.95
N ILE A 235 3.98 6.62 2.35
CA ILE A 235 3.90 6.44 0.92
C ILE A 235 2.48 5.96 0.64
N VAL A 236 1.78 6.65 -0.26
CA VAL A 236 0.44 6.24 -0.64
C VAL A 236 0.54 5.18 -1.73
N VAL A 237 -0.14 4.06 -1.50
CA VAL A 237 -0.19 2.99 -2.49
C VAL A 237 -1.65 2.66 -2.72
N HIS A 238 -2.04 2.60 -3.98
CA HIS A 238 -3.40 2.23 -4.34
C HIS A 238 -3.44 1.63 -5.74
N CYS A 239 -4.51 0.90 -6.05
CA CYS A 239 -4.94 0.80 -7.44
C CYS A 239 -6.44 1.05 -7.57
N SER A 240 -7.24 0.07 -7.15
CA SER A 240 -8.71 0.17 -7.24
C SER A 240 -9.37 -0.04 -5.87
N ALA A 241 -9.12 -1.20 -5.25
CA ALA A 241 -9.65 -1.51 -3.91
C ALA A 241 -8.67 -1.27 -2.79
N GLY A 242 -7.37 -1.23 -3.11
CA GLY A 242 -6.33 -0.98 -2.11
C GLY A 242 -5.95 -2.16 -1.22
N ILE A 243 -6.22 -3.38 -1.67
CA ILE A 243 -5.95 -4.57 -0.86
C ILE A 243 -5.15 -5.67 -1.58
N GLY A 244 -5.31 -5.79 -2.90
CA GLY A 244 -4.70 -6.85 -3.69
C GLY A 244 -3.26 -6.56 -4.08
N ARG A 245 -3.06 -5.93 -5.24
CA ARG A 245 -1.70 -5.58 -5.66
C ARG A 245 -1.01 -4.56 -4.76
N THR A 246 -1.82 -3.72 -4.12
CA THR A 246 -1.36 -2.77 -3.10
C THR A 246 -0.70 -3.52 -1.95
N GLY A 247 -1.35 -4.59 -1.50
CA GLY A 247 -0.81 -5.46 -0.46
C GLY A 247 0.45 -6.17 -0.92
N CYS A 248 0.46 -6.64 -2.18
CA CYS A 248 1.63 -7.31 -2.77
C CYS A 248 2.83 -6.39 -2.89
N PHE A 249 2.59 -5.14 -3.23
CA PHE A 249 3.68 -4.20 -3.35
C PHE A 249 4.34 -3.96 -1.98
N ILE A 250 3.51 -3.78 -0.96
CA ILE A 250 3.97 -3.45 0.39
C ILE A 250 4.62 -4.65 1.06
N ALA A 251 4.04 -5.83 0.90
CA ALA A 251 4.66 -7.08 1.35
C ALA A 251 6.03 -7.30 0.72
N THR A 252 6.13 -7.02 -0.58
CA THR A 252 7.40 -7.15 -1.33
C THR A 252 8.46 -6.20 -0.79
N ARG A 253 8.08 -4.95 -0.62
CA ARG A 253 8.98 -3.92 -0.12
C ARG A 253 9.51 -4.32 1.26
N ILE A 254 8.60 -4.67 2.18
CA ILE A 254 8.99 -5.08 3.54
C ILE A 254 9.84 -6.36 3.53
N GLY A 255 9.45 -7.33 2.71
CA GLY A 255 10.21 -8.57 2.52
C GLY A 255 11.65 -8.34 2.04
N CYS A 256 11.82 -7.45 1.07
CA CYS A 256 13.15 -7.09 0.60
C CYS A 256 13.99 -6.52 1.74
N GLN A 257 13.37 -5.63 2.52
CA GLN A 257 14.03 -4.99 3.66
C GLN A 257 14.48 -6.02 4.70
N GLN A 258 13.63 -7.02 4.96
CA GLN A 258 13.99 -8.11 5.90
C GLN A 258 15.19 -8.89 5.37
N LEU A 259 15.12 -9.30 4.11
CA LEU A 259 16.21 -10.04 3.47
C LEU A 259 17.53 -9.25 3.43
N LYS A 260 17.46 -7.96 3.12
CA LYS A 260 18.65 -7.13 3.11
C LYS A 260 19.27 -6.95 4.51
N ALA A 261 18.43 -6.76 5.52
CA ALA A 261 18.91 -6.48 6.87
C ALA A 261 19.24 -7.73 7.69
N ARG A 262 18.47 -8.81 7.51
CA ARG A 262 18.56 -10.02 8.36
C ARG A 262 19.01 -11.30 7.65
N GLY A 263 18.94 -11.34 6.31
CA GLY A 263 19.27 -12.54 5.56
C GLY A 263 18.18 -13.60 5.71
N GLU A 264 16.99 -13.14 6.10
CA GLU A 264 15.84 -14.02 6.21
C GLU A 264 14.58 -13.21 6.05
N VAL A 265 13.45 -13.88 5.87
CA VAL A 265 12.18 -13.21 5.69
C VAL A 265 11.06 -14.08 6.27
N ASP A 266 10.09 -13.45 6.93
CA ASP A 266 8.91 -14.11 7.42
C ASP A 266 7.70 -13.56 6.66
N ILE A 267 7.40 -14.21 5.55
CA ILE A 267 6.34 -13.77 4.63
C ILE A 267 4.95 -13.87 5.24
N LEU A 268 4.66 -15.00 5.89
CA LEU A 268 3.43 -15.21 6.62
C LEU A 268 3.23 -14.12 7.71
N GLY A 269 4.30 -13.79 8.43
CA GLY A 269 4.28 -12.72 9.41
C GLY A 269 3.94 -11.38 8.77
N ILE A 270 4.54 -11.11 7.61
CA ILE A 270 4.31 -9.86 6.90
C ILE A 270 2.84 -9.69 6.51
N VAL A 271 2.28 -10.73 5.90
CA VAL A 271 0.89 -10.73 5.45
C VAL A 271 -0.10 -10.60 6.61
N CYS A 272 0.21 -11.25 7.73
CA CYS A 272 -0.60 -11.16 8.93
C CYS A 272 -0.63 -9.74 9.50
N GLN A 273 0.52 -9.07 9.50
CA GLN A 273 0.61 -7.70 9.98
C GLN A 273 -0.13 -6.71 9.06
N LEU A 274 -0.06 -6.94 7.75
CA LEU A 274 -0.80 -6.16 6.77
C LEU A 274 -2.32 -6.23 6.99
N ARG A 275 -2.82 -7.41 7.32
CA ARG A 275 -4.25 -7.63 7.53
C ARG A 275 -4.76 -7.05 8.86
N LEU A 276 -3.85 -6.90 9.83
CA LEU A 276 -4.16 -6.18 11.06
C LEU A 276 -4.40 -4.69 10.78
N ASP A 277 -3.62 -4.13 9.85
CA ASP A 277 -3.74 -2.74 9.44
C ASP A 277 -4.86 -2.47 8.42
N ARG A 278 -5.08 -3.42 7.50
CA ARG A 278 -6.16 -3.30 6.51
C ARG A 278 -6.67 -4.66 6.10
N GLY A 279 -7.96 -4.90 6.35
CA GLY A 279 -8.60 -6.17 6.03
C GLY A 279 -8.44 -6.62 4.59
N GLY A 280 -8.04 -7.88 4.42
CA GLY A 280 -8.00 -8.51 3.10
C GLY A 280 -6.77 -8.31 2.24
N MET A 281 -5.72 -7.71 2.81
CA MET A 281 -4.47 -7.50 2.07
C MET A 281 -3.92 -8.81 1.52
N ILE A 282 -3.62 -8.80 0.21
CA ILE A 282 -3.26 -9.99 -0.59
C ILE A 282 -4.46 -10.91 -0.79
N GLN A 283 -5.00 -10.91 -2.00
CA GLN A 283 -6.31 -11.48 -2.23
C GLN A 283 -6.33 -12.96 -2.57
N THR A 284 -5.29 -13.43 -3.25
CA THR A 284 -5.28 -14.81 -3.79
C THR A 284 -4.04 -15.60 -3.39
N ALA A 285 -4.16 -16.92 -3.42
CA ALA A 285 -3.03 -17.81 -3.17
C ALA A 285 -1.93 -17.66 -4.24
N GLU A 286 -2.32 -17.31 -5.47
CA GLU A 286 -1.37 -17.02 -6.55
C GLU A 286 -0.49 -15.80 -6.24
N GLN A 287 -1.11 -14.71 -5.77
CA GLN A 287 -0.37 -13.55 -5.27
C GLN A 287 0.59 -13.92 -4.13
N TYR A 288 0.14 -14.77 -3.22
CA TYR A 288 0.96 -15.26 -2.10
C TYR A 288 2.19 -16.01 -2.60
N GLN A 289 1.96 -16.90 -3.58
CA GLN A 289 3.04 -17.66 -4.20
C GLN A 289 3.99 -16.75 -4.95
N PHE A 290 3.43 -15.79 -5.69
CA PHE A 290 4.23 -14.84 -6.43
C PHE A 290 5.12 -13.96 -5.54
N LEU A 291 4.67 -13.74 -4.32
CA LEU A 291 5.43 -13.03 -3.30
C LEU A 291 6.73 -13.78 -2.99
N HIS A 292 6.61 -15.10 -2.82
CA HIS A 292 7.78 -15.97 -2.62
C HIS A 292 8.77 -15.93 -3.79
N HIS A 293 8.24 -15.98 -5.02
CA HIS A 293 9.04 -15.91 -6.22
C HIS A 293 9.83 -14.59 -6.34
N THR A 294 9.14 -13.49 -6.06
CA THR A 294 9.69 -12.13 -6.17
C THR A 294 10.81 -11.91 -5.17
N LEU A 295 10.59 -12.37 -3.94
CA LEU A 295 11.62 -12.26 -2.91
C LEU A 295 12.83 -13.17 -3.20
N ALA A 296 12.56 -14.38 -3.72
CA ALA A 296 13.66 -15.26 -4.16
C ALA A 296 14.53 -14.61 -5.24
N LEU A 297 13.88 -13.88 -6.14
CA LEU A 297 14.57 -13.12 -7.18
C LEU A 297 15.38 -11.97 -6.58
N TYR A 298 14.77 -11.22 -5.66
CA TYR A 298 15.49 -10.16 -4.96
C TYR A 298 16.74 -10.72 -4.25
N ALA A 299 16.58 -11.85 -3.56
CA ALA A 299 17.69 -12.45 -2.83
C ALA A 299 18.88 -12.77 -3.75
N GLY A 300 18.58 -13.28 -4.94
CA GLY A 300 19.60 -13.58 -5.95
C GLY A 300 20.26 -12.35 -6.56
N GLN A 301 19.68 -11.17 -6.33
CA GLN A 301 20.19 -9.89 -6.85
C GLN A 301 20.95 -9.09 -5.79
N LEU A 302 20.99 -9.58 -4.57
CA LEU A 302 21.70 -8.92 -3.47
C LEU A 302 23.21 -8.82 -3.77
N PRO A 303 23.86 -7.74 -3.29
CA PRO A 303 25.31 -7.58 -3.44
C PRO A 303 26.09 -8.80 -2.98
N GLU A 304 27.11 -9.16 -3.75
CA GLU A 304 27.99 -10.28 -3.41
C GLU A 304 28.96 -9.87 -2.32
#